data_2RNF
#
_entry.id   2RNF
#
_cell.length_a   32.830
_cell.length_b   94.330
_cell.length_c   40.660
_cell.angle_alpha   90.00
_cell.angle_beta   107.20
_cell.angle_gamma   90.00
#
_symmetry.space_group_name_H-M   'P 1 21 1'
#
loop_
_entity.id
_entity.type
_entity.pdbx_description
1 polymer 'RIBONUCLEASE 4'
2 non-polymer "2'-DEOXYURIDINE 3'-MONOPHOSPHATE"
3 water water
#
_entity_poly.entity_id   1
_entity_poly.type   'polypeptide(L)'
_entity_poly.pdbx_seq_one_letter_code
;MQDGMYQRFLRQHVHPEETGGSDRYCNLMMQRRKMTLYHCKRFNTFIHEDIWNIRSICSTTNIQCKNGKMNCHEGVVKVT
DCRDTGSSRAPNCRYRAIASTRRVVIACEGNPQVPVHFDG
;
_entity_poly.pdbx_strand_id   A,B
#
# COMPACT_ATOMS: atom_id res chain seq x y z
N MET A 1 -8.83 -27.07 -2.14
CA MET A 1 -9.00 -25.81 -1.35
C MET A 1 -8.57 -24.57 -2.15
N GLN A 2 -7.49 -24.70 -2.95
CA GLN A 2 -6.98 -23.60 -3.78
C GLN A 2 -7.96 -23.26 -4.89
N ASP A 3 -8.85 -24.19 -5.21
CA ASP A 3 -9.84 -23.99 -6.28
C ASP A 3 -11.09 -23.31 -5.71
N GLY A 4 -11.32 -23.48 -4.42
CA GLY A 4 -12.46 -22.85 -3.77
C GLY A 4 -12.07 -21.45 -3.31
N MET A 5 -10.78 -21.30 -2.98
CA MET A 5 -10.20 -20.04 -2.53
C MET A 5 -9.96 -19.12 -3.71
N TYR A 6 -9.78 -19.74 -4.87
CA TYR A 6 -9.54 -19.00 -6.10
C TYR A 6 -10.85 -18.41 -6.63
N GLN A 7 -11.93 -19.17 -6.53
CA GLN A 7 -13.23 -18.71 -7.00
C GLN A 7 -13.69 -17.57 -6.10
N ARG A 8 -13.46 -17.73 -4.81
CA ARG A 8 -13.82 -16.72 -3.84
C ARG A 8 -13.04 -15.44 -4.08
N PHE A 9 -11.75 -15.56 -4.39
CA PHE A 9 -10.93 -14.39 -4.67
C PHE A 9 -11.55 -13.74 -5.88
N LEU A 10 -12.10 -14.54 -6.77
CA LEU A 10 -12.72 -14.01 -7.97
C LEU A 10 -14.00 -13.21 -7.61
N ARG A 11 -14.92 -13.86 -6.90
CA ARG A 11 -16.15 -13.20 -6.49
C ARG A 11 -15.89 -11.90 -5.75
N GLN A 12 -14.90 -11.89 -4.87
CA GLN A 12 -14.60 -10.69 -4.08
C GLN A 12 -13.72 -9.59 -4.65
N HIS A 13 -12.80 -9.89 -5.55
CA HIS A 13 -11.85 -8.86 -5.97
C HIS A 13 -11.71 -8.55 -7.43
N VAL A 14 -12.43 -9.27 -8.27
CA VAL A 14 -12.30 -9.05 -9.72
C VAL A 14 -13.54 -8.58 -10.50
N HIS A 15 -13.29 -7.63 -11.39
CA HIS A 15 -14.33 -7.08 -12.23
C HIS A 15 -13.59 -6.36 -13.32
N PRO A 16 -13.26 -7.09 -14.39
CA PRO A 16 -12.52 -6.50 -15.51
C PRO A 16 -13.34 -5.64 -16.47
N GLU A 17 -14.59 -6.02 -16.72
CA GLU A 17 -15.45 -5.30 -17.66
C GLU A 17 -15.79 -3.86 -17.28
N GLU A 18 -15.87 -3.58 -15.98
CA GLU A 18 -16.18 -2.24 -15.50
C GLU A 18 -14.93 -1.49 -15.07
N THR A 19 -15.15 -0.29 -14.56
CA THR A 19 -14.06 0.54 -14.09
C THR A 19 -14.48 1.30 -12.84
N GLY A 20 -15.61 0.90 -12.26
CA GLY A 20 -16.17 1.47 -11.05
C GLY A 20 -15.80 2.91 -10.76
N GLY A 21 -15.15 3.12 -9.62
CA GLY A 21 -14.70 4.43 -9.25
C GLY A 21 -15.71 5.34 -8.57
N SER A 22 -16.80 4.79 -8.06
CA SER A 22 -17.76 5.66 -7.41
C SER A 22 -18.38 4.95 -6.19
N ASP A 23 -18.95 5.72 -5.27
CA ASP A 23 -19.55 5.15 -4.06
C ASP A 23 -20.69 4.22 -4.47
N ARG A 24 -21.48 4.69 -5.43
CA ARG A 24 -22.62 3.98 -5.98
C ARG A 24 -22.19 2.61 -6.51
N TYR A 25 -21.03 2.55 -7.15
CA TYR A 25 -20.49 1.29 -7.68
C TYR A 25 -20.12 0.38 -6.51
N CYS A 26 -19.51 0.95 -5.46
CA CYS A 26 -19.11 0.19 -4.27
C CYS A 26 -20.35 -0.36 -3.56
N ASN A 27 -21.40 0.46 -3.52
CA ASN A 27 -22.65 0.08 -2.86
C ASN A 27 -23.32 -1.06 -3.61
N LEU A 28 -23.30 -1.00 -4.94
CA LEU A 28 -23.88 -2.03 -5.81
C LEU A 28 -23.03 -3.30 -5.75
N MET A 29 -21.80 -3.20 -6.20
CA MET A 29 -20.90 -4.34 -6.24
C MET A 29 -20.71 -5.10 -4.94
N MET A 30 -20.47 -4.40 -3.83
CA MET A 30 -20.26 -5.07 -2.56
C MET A 30 -21.41 -6.01 -2.21
N GLN A 31 -22.60 -5.68 -2.74
CA GLN A 31 -23.84 -6.42 -2.49
C GLN A 31 -24.12 -7.52 -3.54
N ARG A 32 -23.72 -7.29 -4.79
CA ARG A 32 -23.89 -8.25 -5.86
C ARG A 32 -22.92 -9.38 -5.61
N ARG A 33 -21.77 -9.05 -5.07
CA ARG A 33 -20.74 -10.03 -4.77
C ARG A 33 -20.85 -10.69 -3.39
N LYS A 34 -22.01 -10.57 -2.75
CA LYS A 34 -22.28 -11.17 -1.44
C LYS A 34 -21.39 -10.82 -0.23
N MET A 35 -20.86 -9.59 -0.17
CA MET A 35 -20.05 -9.19 0.98
C MET A 35 -20.76 -8.34 2.07
N THR A 36 -22.08 -8.25 2.01
CA THR A 36 -22.87 -7.50 3.00
C THR A 36 -24.02 -8.40 3.49
N LEU A 37 -23.85 -9.69 3.22
CA LEU A 37 -24.81 -10.71 3.60
C LEU A 37 -25.22 -10.68 5.06
N TYR A 38 -24.25 -10.62 5.97
CA TYR A 38 -24.53 -10.62 7.41
C TYR A 38 -23.89 -9.45 8.18
N HIS A 39 -22.81 -8.90 7.61
CA HIS A 39 -22.03 -7.81 8.21
C HIS A 39 -21.50 -7.01 7.01
N CYS A 40 -21.20 -5.74 7.24
CA CYS A 40 -20.67 -4.87 6.17
C CYS A 40 -19.18 -5.03 6.16
N LYS A 41 -18.66 -5.79 5.20
CA LYS A 41 -17.22 -5.99 5.13
C LYS A 41 -16.62 -4.58 5.21
N ARG A 42 -15.61 -4.42 6.08
CA ARG A 42 -14.95 -3.14 6.29
C ARG A 42 -14.29 -2.49 5.08
N PHE A 43 -13.33 -3.18 4.45
CA PHE A 43 -12.61 -2.66 3.29
C PHE A 43 -12.51 -3.76 2.25
N ASN A 44 -12.50 -3.39 0.96
CA ASN A 44 -12.41 -4.32 -0.17
C ASN A 44 -11.97 -3.73 -1.50
N THR A 45 -11.06 -4.41 -2.18
CA THR A 45 -10.56 -3.94 -3.45
C THR A 45 -11.11 -4.72 -4.62
N PHE A 46 -11.53 -4.01 -5.66
CA PHE A 46 -12.03 -4.66 -6.86
C PHE A 46 -10.96 -4.34 -7.87
N ILE A 47 -10.46 -5.36 -8.54
CA ILE A 47 -9.43 -5.16 -9.53
C ILE A 47 -10.16 -5.15 -10.86
N HIS A 48 -9.84 -4.14 -11.66
CA HIS A 48 -10.47 -4.01 -12.95
C HIS A 48 -9.44 -4.34 -13.99
N GLU A 49 -9.10 -5.63 -14.07
CA GLU A 49 -8.12 -6.12 -15.05
C GLU A 49 -8.56 -7.52 -15.47
N ASP A 50 -8.17 -7.94 -16.67
CA ASP A 50 -8.52 -9.27 -17.20
C ASP A 50 -8.00 -10.38 -16.27
N ILE A 51 -8.80 -11.43 -16.08
CA ILE A 51 -8.42 -12.54 -15.20
C ILE A 51 -6.98 -13.06 -15.45
N TRP A 52 -6.61 -13.18 -16.73
CA TRP A 52 -5.29 -13.67 -17.09
C TRP A 52 -4.22 -12.68 -16.68
N ASN A 53 -4.60 -11.42 -16.49
CA ASN A 53 -3.60 -10.44 -16.08
C ASN A 53 -3.38 -10.60 -14.59
N ILE A 54 -4.41 -11.02 -13.85
CA ILE A 54 -4.23 -11.21 -12.41
C ILE A 54 -3.46 -12.50 -12.12
N ARG A 55 -3.66 -13.51 -12.97
CA ARG A 55 -2.93 -14.78 -12.80
C ARG A 55 -1.47 -14.56 -13.16
N SER A 56 -1.24 -13.72 -14.15
CA SER A 56 0.11 -13.41 -14.58
C SER A 56 0.93 -12.74 -13.47
N ILE A 57 0.27 -12.25 -12.43
CA ILE A 57 0.96 -11.59 -11.32
C ILE A 57 1.66 -12.66 -10.45
N CYS A 58 1.04 -13.84 -10.36
CA CYS A 58 1.60 -14.96 -9.60
C CYS A 58 3.00 -15.34 -10.08
N SER A 59 3.34 -14.99 -11.31
CA SER A 59 4.64 -15.33 -11.89
C SER A 59 5.78 -14.38 -11.61
N THR A 60 5.46 -13.19 -11.09
CA THR A 60 6.49 -12.20 -10.80
C THR A 60 7.37 -12.78 -9.70
N THR A 61 8.52 -12.18 -9.45
CA THR A 61 9.40 -12.68 -8.41
C THR A 61 8.60 -12.79 -7.09
N ASN A 62 9.14 -13.47 -6.09
CA ASN A 62 8.44 -13.64 -4.82
C ASN A 62 8.80 -12.58 -3.74
N ILE A 63 7.81 -12.19 -2.95
CA ILE A 63 8.01 -11.20 -1.88
C ILE A 63 7.21 -11.59 -0.62
N GLN A 64 7.60 -11.07 0.54
CA GLN A 64 6.93 -11.45 1.78
C GLN A 64 5.48 -10.96 1.97
N CYS A 65 4.66 -11.84 2.54
CA CYS A 65 3.27 -11.52 2.81
C CYS A 65 3.26 -10.87 4.17
N LYS A 66 2.12 -10.31 4.57
CA LYS A 66 2.02 -9.68 5.87
C LYS A 66 2.27 -10.75 6.96
N ASN A 67 1.95 -12.01 6.66
CA ASN A 67 2.13 -13.13 7.59
C ASN A 67 3.54 -13.70 7.66
N GLY A 68 4.42 -13.32 6.74
CA GLY A 68 5.76 -13.85 6.81
C GLY A 68 6.07 -14.86 5.73
N LYS A 69 5.05 -15.51 5.16
CA LYS A 69 5.28 -16.48 4.10
C LYS A 69 5.82 -15.69 2.91
N MET A 70 6.38 -16.40 1.94
CA MET A 70 6.95 -15.77 0.77
C MET A 70 6.25 -16.14 -0.55
N ASN A 71 4.98 -16.50 -0.50
CA ASN A 71 4.27 -16.84 -1.74
C ASN A 71 3.41 -15.66 -2.25
N CYS A 72 3.85 -14.43 -1.95
CA CYS A 72 3.15 -13.22 -2.33
C CYS A 72 3.76 -12.50 -3.52
N HIS A 73 2.91 -11.82 -4.28
CA HIS A 73 3.38 -11.11 -5.46
C HIS A 73 2.75 -9.74 -5.56
N GLU A 74 3.38 -8.86 -6.32
CA GLU A 74 2.85 -7.52 -6.47
C GLU A 74 2.75 -7.08 -7.91
N GLY A 75 1.78 -6.21 -8.15
CA GLY A 75 1.54 -5.67 -9.48
C GLY A 75 0.75 -4.36 -9.41
N VAL A 76 1.01 -3.45 -10.34
CA VAL A 76 0.30 -2.17 -10.36
C VAL A 76 -0.92 -2.27 -11.28
N VAL A 77 -2.10 -2.27 -10.65
CA VAL A 77 -3.36 -2.41 -11.36
C VAL A 77 -4.41 -1.35 -11.00
N LYS A 78 -5.44 -1.24 -11.83
CA LYS A 78 -6.54 -0.30 -11.64
C LYS A 78 -7.49 -0.97 -10.68
N VAL A 79 -7.86 -0.26 -9.63
CA VAL A 79 -8.73 -0.81 -8.63
C VAL A 79 -9.72 0.25 -8.14
N THR A 80 -10.65 -0.17 -7.29
CA THR A 80 -11.63 0.71 -6.68
C THR A 80 -11.67 0.15 -5.28
N ASP A 81 -11.19 0.94 -4.33
CA ASP A 81 -11.19 0.55 -2.94
C ASP A 81 -12.51 1.01 -2.34
N CYS A 82 -13.22 0.10 -1.69
CA CYS A 82 -14.52 0.36 -1.04
C CYS A 82 -14.40 0.35 0.48
N ARG A 83 -14.54 1.54 1.08
CA ARG A 83 -14.45 1.70 2.53
C ARG A 83 -15.80 1.90 3.18
N ASP A 84 -16.15 1.02 4.11
CA ASP A 84 -17.42 1.14 4.82
C ASP A 84 -17.41 2.49 5.56
N THR A 85 -18.55 3.16 5.51
CA THR A 85 -18.70 4.45 6.16
C THR A 85 -19.09 4.23 7.62
N GLY A 86 -19.76 3.12 7.92
CA GLY A 86 -20.16 2.86 9.30
C GLY A 86 -21.56 3.33 9.67
N SER A 87 -22.22 4.02 8.74
CA SER A 87 -23.56 4.55 8.93
C SER A 87 -24.61 3.51 9.30
N SER A 88 -24.90 2.64 8.33
CA SER A 88 -25.89 1.58 8.49
C SER A 88 -25.29 0.18 8.51
N ARG A 89 -26.11 -0.77 8.92
CA ARG A 89 -25.73 -2.17 9.06
C ARG A 89 -26.27 -2.92 7.89
N ALA A 90 -25.90 -4.20 7.82
CA ALA A 90 -26.36 -5.05 6.74
C ALA A 90 -27.84 -5.27 6.91
N PRO A 91 -28.57 -5.48 5.80
CA PRO A 91 -28.07 -5.52 4.42
C PRO A 91 -27.91 -4.17 3.72
N ASN A 92 -28.11 -3.07 4.45
CA ASN A 92 -27.98 -1.74 3.86
C ASN A 92 -26.62 -1.11 4.18
N CYS A 93 -25.56 -1.60 3.56
CA CYS A 93 -24.22 -1.05 3.79
C CYS A 93 -23.91 0.05 2.81
N ARG A 94 -23.29 1.11 3.30
CA ARG A 94 -22.95 2.24 2.45
C ARG A 94 -21.44 2.35 2.42
N TYR A 95 -20.89 2.61 1.23
CA TYR A 95 -19.45 2.67 1.04
C TYR A 95 -18.94 3.93 0.42
N ARG A 96 -17.65 4.15 0.63
CA ARG A 96 -16.94 5.29 0.09
C ARG A 96 -15.94 4.71 -0.88
N ALA A 97 -15.93 5.20 -2.12
CA ALA A 97 -15.02 4.71 -3.12
C ALA A 97 -13.83 5.62 -3.40
N ILE A 98 -12.72 4.98 -3.79
CA ILE A 98 -11.46 5.62 -4.17
C ILE A 98 -10.86 4.90 -5.38
N ALA A 99 -10.62 5.65 -6.44
CA ALA A 99 -10.03 5.11 -7.65
C ALA A 99 -8.58 5.53 -7.75
N SER A 100 -7.79 4.65 -8.36
CA SER A 100 -6.36 4.87 -8.58
C SER A 100 -5.84 3.63 -9.25
N THR A 101 -4.69 3.77 -9.90
CA THR A 101 -4.00 2.67 -10.52
C THR A 101 -2.88 2.46 -9.50
N ARG A 102 -3.02 1.46 -8.64
CA ARG A 102 -1.98 1.25 -7.64
C ARG A 102 -1.41 -0.15 -7.48
N ARG A 103 -0.36 -0.20 -6.67
CA ARG A 103 0.35 -1.42 -6.33
C ARG A 103 -0.46 -2.35 -5.41
N VAL A 104 -0.86 -3.52 -5.89
CA VAL A 104 -1.58 -4.46 -5.02
C VAL A 104 -0.65 -5.66 -4.76
N VAL A 105 -0.93 -6.38 -3.68
CA VAL A 105 -0.13 -7.55 -3.33
C VAL A 105 -1.06 -8.72 -3.06
N ILE A 106 -0.96 -9.77 -3.88
CA ILE A 106 -1.80 -10.96 -3.73
C ILE A 106 -0.98 -12.22 -3.41
N ALA A 107 -1.64 -13.24 -2.86
CA ALA A 107 -0.98 -14.50 -2.53
C ALA A 107 -1.43 -15.57 -3.53
N CYS A 108 -0.46 -16.31 -4.09
CA CYS A 108 -0.71 -17.37 -5.08
C CYS A 108 -0.34 -18.76 -4.52
N GLU A 109 -1.13 -19.77 -4.88
CA GLU A 109 -0.95 -21.12 -4.39
C GLU A 109 -1.34 -22.12 -5.47
N GLY A 110 -0.89 -23.37 -5.30
CA GLY A 110 -1.28 -24.42 -6.22
C GLY A 110 -0.38 -24.59 -7.41
N ASN A 111 -0.76 -25.53 -8.29
CA ASN A 111 0.00 -25.86 -9.49
C ASN A 111 -0.95 -26.36 -10.56
N PRO A 112 -1.26 -25.51 -11.55
CA PRO A 112 -0.78 -24.14 -11.75
C PRO A 112 -1.18 -23.16 -10.66
N GLN A 113 -0.32 -22.15 -10.52
CA GLN A 113 -0.47 -21.10 -9.54
C GLN A 113 -1.69 -20.26 -9.86
N VAL A 114 -2.43 -19.91 -8.82
CA VAL A 114 -3.61 -19.10 -8.93
C VAL A 114 -3.66 -18.18 -7.70
N PRO A 115 -4.30 -17.01 -7.81
CA PRO A 115 -4.38 -16.11 -6.66
C PRO A 115 -5.39 -16.61 -5.67
N VAL A 116 -5.00 -16.75 -4.41
CA VAL A 116 -5.91 -17.26 -3.40
C VAL A 116 -6.15 -16.25 -2.30
N HIS A 117 -5.46 -15.13 -2.32
CA HIS A 117 -5.70 -14.15 -1.29
C HIS A 117 -5.11 -12.78 -1.61
N PHE A 118 -5.84 -11.75 -1.18
CA PHE A 118 -5.46 -10.36 -1.36
C PHE A 118 -4.73 -9.92 -0.12
N ASP A 119 -3.43 -9.73 -0.23
CA ASP A 119 -2.69 -9.31 0.93
C ASP A 119 -2.91 -7.84 1.26
N GLY A 120 -2.75 -6.97 0.25
CA GLY A 120 -2.92 -5.55 0.44
C GLY A 120 -2.70 -4.69 -0.80
N MET B 1 -0.65 22.40 11.48
CA MET B 1 0.57 21.53 11.56
C MET B 1 0.44 20.36 10.60
N GLN B 2 -0.80 20.01 10.25
CA GLN B 2 -1.06 18.90 9.35
C GLN B 2 -0.54 19.17 7.94
N ASP B 3 -0.66 20.41 7.50
CA ASP B 3 -0.19 20.79 6.17
C ASP B 3 1.34 20.85 6.15
N GLY B 4 1.91 21.49 7.17
CA GLY B 4 3.34 21.61 7.25
C GLY B 4 4.02 20.26 7.41
N MET B 5 3.28 19.30 7.94
CA MET B 5 3.80 17.96 8.14
C MET B 5 3.75 17.23 6.80
N TYR B 6 2.68 17.46 6.05
CA TYR B 6 2.48 16.84 4.75
C TYR B 6 3.63 17.11 3.79
N GLN B 7 3.87 18.38 3.46
CA GLN B 7 4.96 18.72 2.54
C GLN B 7 6.32 18.27 3.09
N ARG B 8 6.43 18.19 4.41
CA ARG B 8 7.64 17.74 5.07
C ARG B 8 7.78 16.24 4.82
N PHE B 9 6.66 15.53 4.88
CA PHE B 9 6.68 14.08 4.65
C PHE B 9 6.99 13.77 3.20
N LEU B 10 6.39 14.54 2.30
CA LEU B 10 6.62 14.34 0.89
C LEU B 10 8.08 14.60 0.53
N ARG B 11 8.68 15.57 1.21
CA ARG B 11 10.05 15.94 0.91
C ARG B 11 11.11 15.03 1.51
N GLN B 12 10.72 14.18 2.45
CA GLN B 12 11.67 13.30 3.09
C GLN B 12 11.57 11.86 2.66
N HIS B 13 10.34 11.33 2.63
CA HIS B 13 10.09 9.93 2.29
C HIS B 13 9.37 9.68 0.98
N VAL B 14 9.40 10.64 0.06
CA VAL B 14 8.68 10.43 -1.18
C VAL B 14 9.48 10.71 -2.45
N HIS B 15 9.42 9.73 -3.35
CA HIS B 15 10.07 9.83 -4.62
C HIS B 15 9.55 8.77 -5.59
N PRO B 16 8.50 9.13 -6.35
CA PRO B 16 7.82 8.31 -7.36
C PRO B 16 8.62 8.01 -8.63
N GLU B 17 8.06 7.13 -9.44
CA GLU B 17 8.69 6.74 -10.71
C GLU B 17 10.12 6.21 -10.56
N GLU B 18 10.50 5.84 -9.34
CA GLU B 18 11.82 5.31 -9.10
C GLU B 18 11.82 3.83 -8.74
N THR B 19 13.02 3.26 -8.72
CA THR B 19 13.26 1.86 -8.37
C THR B 19 14.22 1.88 -7.17
N GLY B 20 15.09 2.89 -7.17
CA GLY B 20 16.06 3.04 -6.10
C GLY B 20 16.84 1.76 -5.89
N GLY B 21 16.91 1.30 -4.64
CA GLY B 21 17.63 0.09 -4.34
C GLY B 21 19.16 0.15 -4.43
N SER B 22 19.69 1.20 -5.03
CA SER B 22 21.14 1.39 -5.16
C SER B 22 21.82 2.14 -3.98
N ASP B 23 23.04 1.75 -3.63
CA ASP B 23 23.80 2.40 -2.54
C ASP B 23 24.12 3.82 -3.00
N ARG B 24 24.52 3.93 -4.26
CA ARG B 24 24.86 5.20 -4.87
C ARG B 24 23.63 6.11 -4.87
N TYR B 25 22.45 5.50 -4.98
CA TYR B 25 21.19 6.24 -4.99
C TYR B 25 20.96 6.91 -3.62
N CYS B 26 21.16 6.15 -2.55
CA CYS B 26 21.00 6.63 -1.18
C CYS B 26 21.92 7.77 -0.84
N ASN B 27 23.16 7.67 -1.34
CA ASN B 27 24.18 8.68 -1.11
C ASN B 27 23.78 9.96 -1.85
N LEU B 28 23.35 9.79 -3.10
CA LEU B 28 22.91 10.94 -3.89
C LEU B 28 21.65 11.60 -3.29
N MET B 29 20.65 10.80 -2.94
CA MET B 29 19.35 11.28 -2.38
C MET B 29 19.35 11.87 -0.97
N MET B 30 20.12 11.28 -0.05
CA MET B 30 20.11 11.79 1.30
C MET B 30 20.78 13.16 1.37
N GLN B 31 21.78 13.37 0.50
CA GLN B 31 22.51 14.63 0.47
C GLN B 31 21.66 15.72 -0.19
N ARG B 32 21.18 15.45 -1.38
CA ARG B 32 20.34 16.40 -2.11
C ARG B 32 19.06 16.73 -1.33
N ARG B 33 18.58 15.79 -0.52
CA ARG B 33 17.38 16.01 0.26
C ARG B 33 17.73 16.52 1.67
N LYS B 34 18.83 17.24 1.77
CA LYS B 34 19.31 17.81 3.02
C LYS B 34 19.21 16.87 4.23
N MET B 35 19.88 15.72 4.17
CA MET B 35 19.84 14.74 5.27
C MET B 35 21.24 14.32 5.68
N THR B 36 22.23 15.07 5.20
CA THR B 36 23.63 14.80 5.49
C THR B 36 24.37 16.12 5.63
N LEU B 37 23.63 17.17 5.98
CA LEU B 37 24.18 18.52 6.11
C LEU B 37 25.18 18.75 7.24
N TYR B 38 24.77 18.43 8.44
CA TYR B 38 25.61 18.61 9.61
C TYR B 38 25.92 17.23 10.19
N HIS B 39 24.92 16.36 10.08
CA HIS B 39 25.02 15.00 10.58
C HIS B 39 24.49 14.02 9.51
N CYS B 40 24.81 12.75 9.67
CA CYS B 40 24.33 11.75 8.71
C CYS B 40 23.05 11.23 9.32
N LYS B 41 21.98 11.17 8.56
CA LYS B 41 20.77 10.60 9.13
C LYS B 41 21.09 9.09 9.23
N ARG B 42 20.71 8.47 10.32
CA ARG B 42 20.97 7.05 10.48
C ARG B 42 20.16 6.19 9.50
N PHE B 43 18.86 6.45 9.45
CA PHE B 43 17.94 5.70 8.62
C PHE B 43 16.89 6.61 7.98
N ASN B 44 16.49 6.28 6.76
CA ASN B 44 15.45 7.02 6.06
C ASN B 44 14.86 6.11 5.02
N THR B 45 13.55 6.21 4.83
CA THR B 45 12.83 5.39 3.87
C THR B 45 12.23 6.27 2.80
N PHE B 46 12.53 5.99 1.54
CA PHE B 46 11.98 6.75 0.41
C PHE B 46 10.95 5.85 -0.24
N ILE B 47 9.70 6.29 -0.28
CA ILE B 47 8.64 5.51 -0.88
C ILE B 47 8.55 5.85 -2.37
N HIS B 48 8.52 4.79 -3.17
CA HIS B 48 8.48 4.88 -4.62
C HIS B 48 7.10 4.68 -5.21
N GLU B 49 6.12 5.35 -4.63
CA GLU B 49 4.74 5.23 -5.10
C GLU B 49 4.25 6.63 -5.45
N ASP B 50 3.05 6.70 -6.02
CA ASP B 50 2.40 7.95 -6.39
C ASP B 50 1.83 8.61 -5.14
N ILE B 51 1.91 9.93 -5.07
CA ILE B 51 1.38 10.65 -3.93
C ILE B 51 -0.06 10.25 -3.62
N TRP B 52 -0.87 10.17 -4.67
CA TRP B 52 -2.27 9.81 -4.54
C TRP B 52 -2.38 8.46 -3.82
N ASN B 53 -1.59 7.52 -4.30
CA ASN B 53 -1.53 6.16 -3.80
C ASN B 53 -1.07 6.09 -2.37
N ILE B 54 -0.04 6.87 -2.02
CA ILE B 54 0.47 6.88 -0.66
C ILE B 54 -0.56 7.45 0.31
N ARG B 55 -1.34 8.43 -0.16
CA ARG B 55 -2.34 9.08 0.69
C ARG B 55 -3.57 8.18 0.94
N SER B 56 -3.89 7.35 -0.04
CA SER B 56 -5.01 6.46 0.08
C SER B 56 -4.80 5.51 1.25
N ILE B 57 -3.54 5.38 1.65
CA ILE B 57 -3.22 4.52 2.79
C ILE B 57 -3.98 5.04 4.01
N CYS B 58 -4.15 6.36 4.08
CA CYS B 58 -4.85 7.01 5.18
C CYS B 58 -6.33 6.57 5.18
N SER B 59 -6.85 6.24 4.01
CA SER B 59 -8.23 5.80 3.90
C SER B 59 -8.45 4.32 4.31
N THR B 60 -7.37 3.63 4.68
CA THR B 60 -7.47 2.23 5.09
C THR B 60 -7.78 2.02 6.57
N THR B 61 -8.14 0.78 6.90
CA THR B 61 -8.49 0.35 8.24
C THR B 61 -7.47 0.76 9.29
N ASN B 62 -7.90 1.62 10.22
CA ASN B 62 -7.07 2.18 11.30
C ASN B 62 -6.30 1.22 12.23
N ILE B 63 -5.17 1.70 12.74
CA ILE B 63 -4.32 0.95 13.68
C ILE B 63 -3.46 1.87 14.58
N GLN B 64 -2.91 1.32 15.68
CA GLN B 64 -2.09 2.05 16.64
C GLN B 64 -0.83 2.68 16.09
N CYS B 65 -0.06 3.33 16.97
CA CYS B 65 1.22 3.97 16.60
C CYS B 65 2.23 3.83 17.71
N LYS B 66 3.41 4.40 17.50
CA LYS B 66 4.49 4.36 18.49
C LYS B 66 4.14 5.10 19.78
N ASN B 67 3.54 6.28 19.63
CA ASN B 67 3.16 7.08 20.79
C ASN B 67 2.07 6.37 21.57
N GLY B 68 1.12 5.76 20.86
CA GLY B 68 0.03 5.05 21.49
C GLY B 68 -1.28 5.48 20.86
N LYS B 69 -1.17 6.17 19.72
CA LYS B 69 -2.31 6.68 18.99
C LYS B 69 -2.92 5.75 17.95
N MET B 70 -4.13 6.11 17.53
CA MET B 70 -4.89 5.33 16.58
C MET B 70 -4.89 5.90 15.16
N ASN B 71 -4.18 7.00 14.95
CA ASN B 71 -4.18 7.59 13.62
C ASN B 71 -3.21 6.93 12.64
N CYS B 72 -2.92 5.66 12.84
CA CYS B 72 -2.00 4.98 11.95
C CYS B 72 -2.68 4.10 10.96
N HIS B 73 -1.98 3.85 9.86
CA HIS B 73 -2.52 3.04 8.82
C HIS B 73 -1.37 2.30 8.26
N GLU B 74 -1.61 1.09 7.79
CA GLU B 74 -0.52 0.30 7.25
C GLU B 74 -0.73 0.05 5.77
N GLY B 75 0.36 0.03 5.03
CA GLY B 75 0.26 -0.23 3.62
C GLY B 75 1.48 -1.02 3.18
N VAL B 76 1.40 -1.62 1.99
CA VAL B 76 2.48 -2.41 1.40
C VAL B 76 2.89 -1.70 0.13
N VAL B 77 4.06 -1.06 0.16
CA VAL B 77 4.53 -0.26 -0.96
C VAL B 77 6.01 -0.44 -1.25
N LYS B 78 6.40 0.01 -2.43
CA LYS B 78 7.78 -0.06 -2.86
C LYS B 78 8.59 1.01 -2.16
N VAL B 79 9.72 0.60 -1.59
CA VAL B 79 10.63 1.50 -0.88
C VAL B 79 12.11 1.19 -1.18
N THR B 80 12.94 2.11 -0.72
CA THR B 80 14.39 2.08 -0.82
C THR B 80 14.78 2.60 0.54
N ASP B 81 15.09 1.70 1.46
CA ASP B 81 15.51 2.07 2.80
C ASP B 81 16.97 2.40 2.69
N CYS B 82 17.43 3.47 3.35
CA CYS B 82 18.85 3.84 3.32
C CYS B 82 19.37 3.89 4.72
N ARG B 83 20.46 3.17 4.98
CA ARG B 83 21.05 3.09 6.31
C ARG B 83 22.46 3.59 6.32
N ASP B 84 22.76 4.46 7.28
CA ASP B 84 24.09 5.04 7.41
C ASP B 84 25.01 3.89 7.80
N THR B 85 26.11 3.72 7.07
CA THR B 85 27.05 2.66 7.40
C THR B 85 27.89 3.06 8.59
N GLY B 86 27.89 4.36 8.92
CA GLY B 86 28.66 4.84 10.06
C GLY B 86 30.14 4.92 9.70
N SER B 87 30.43 4.57 8.45
CA SER B 87 31.79 4.57 7.95
C SER B 87 32.39 5.98 7.85
N SER B 88 31.53 6.99 7.86
CA SER B 88 32.00 8.36 7.73
C SER B 88 31.00 9.37 8.30
N ARG B 89 31.49 10.56 8.61
CA ARG B 89 30.64 11.61 9.16
C ARG B 89 30.36 12.61 8.05
N ALA B 90 29.31 13.42 8.22
CA ALA B 90 28.95 14.42 7.22
C ALA B 90 30.20 15.24 6.99
N PRO B 91 30.44 15.70 5.76
CA PRO B 91 29.65 15.52 4.53
C PRO B 91 29.69 14.15 3.81
N ASN B 92 30.74 13.38 4.05
CA ASN B 92 30.88 12.10 3.38
C ASN B 92 30.12 10.94 4.03
N CYS B 93 28.81 11.04 4.06
CA CYS B 93 28.02 9.98 4.67
C CYS B 93 27.96 8.89 3.65
N ARG B 94 28.15 7.65 4.06
CA ARG B 94 28.08 6.51 3.12
C ARG B 94 26.94 5.61 3.55
N TYR B 95 25.97 5.45 2.67
CA TYR B 95 24.79 4.66 3.00
C TYR B 95 24.74 3.30 2.33
N ARG B 96 23.98 2.40 2.96
CA ARG B 96 23.77 1.07 2.40
C ARG B 96 22.30 1.00 1.97
N ALA B 97 22.06 0.76 0.70
CA ALA B 97 20.67 0.68 0.23
C ALA B 97 20.05 -0.70 0.37
N ILE B 98 18.77 -0.72 0.68
CA ILE B 98 18.02 -1.95 0.81
C ILE B 98 16.67 -1.74 0.10
N ALA B 99 16.59 -2.21 -1.15
CA ALA B 99 15.38 -2.11 -1.97
C ALA B 99 14.45 -3.27 -1.65
N SER B 100 13.16 -3.00 -1.55
CA SER B 100 12.18 -4.04 -1.22
C SER B 100 10.74 -3.53 -1.25
N THR B 101 9.80 -4.47 -1.23
CA THR B 101 8.38 -4.16 -1.22
C THR B 101 7.88 -4.64 0.13
N ARG B 102 7.83 -3.72 1.08
CA ARG B 102 7.40 -4.05 2.44
C ARG B 102 6.17 -3.34 2.99
N ARG B 103 5.73 -3.78 4.15
CA ARG B 103 4.59 -3.22 4.83
C ARG B 103 5.06 -2.03 5.68
N VAL B 104 4.47 -0.86 5.43
CA VAL B 104 4.85 0.33 6.16
C VAL B 104 3.70 0.79 7.05
N VAL B 105 4.04 1.62 8.04
CA VAL B 105 3.05 2.18 8.95
C VAL B 105 3.19 3.69 8.89
N ILE B 106 2.11 4.34 8.44
CA ILE B 106 2.03 5.79 8.28
C ILE B 106 0.99 6.38 9.25
N ALA B 107 1.31 7.54 9.79
CA ALA B 107 0.40 8.26 10.68
C ALA B 107 -0.23 9.36 9.85
N CYS B 108 -1.55 9.40 9.78
CA CYS B 108 -2.25 10.43 9.02
C CYS B 108 -3.02 11.36 9.94
N GLU B 109 -3.15 12.61 9.55
CA GLU B 109 -3.91 13.55 10.36
C GLU B 109 -4.83 14.41 9.52
N GLY B 110 -5.84 14.97 10.18
CA GLY B 110 -6.79 15.83 9.51
C GLY B 110 -8.01 15.08 9.03
N ASN B 111 -8.88 15.81 8.35
CA ASN B 111 -10.11 15.26 7.80
C ASN B 111 -10.51 16.22 6.68
N PRO B 112 -10.18 15.87 5.42
CA PRO B 112 -9.47 14.69 4.90
C PRO B 112 -8.17 14.35 5.61
N GLN B 113 -7.86 13.05 5.68
CA GLN B 113 -6.65 12.55 6.32
C GLN B 113 -5.46 12.73 5.39
N VAL B 114 -4.32 13.03 5.97
CA VAL B 114 -3.13 13.23 5.19
C VAL B 114 -1.92 12.62 5.90
N PRO B 115 -1.07 11.88 5.16
CA PRO B 115 0.13 11.28 5.78
C PRO B 115 1.05 12.38 6.30
N VAL B 116 1.51 12.26 7.53
CA VAL B 116 2.38 13.29 8.08
C VAL B 116 3.66 12.76 8.70
N HIS B 117 3.64 11.53 9.21
CA HIS B 117 4.82 10.96 9.84
C HIS B 117 5.01 9.49 9.58
N PHE B 118 6.20 9.15 9.13
CA PHE B 118 6.54 7.77 8.86
C PHE B 118 6.73 7.09 10.20
N ASP B 119 5.84 6.19 10.56
CA ASP B 119 5.95 5.48 11.83
C ASP B 119 6.94 4.30 11.78
N GLY B 120 6.78 3.44 10.77
CA GLY B 120 7.65 2.30 10.63
C GLY B 120 7.45 1.63 9.27
#